data_6THO
#
_entry.id   6THO
#
_cell.length_a   49.283
_cell.length_b   57.956
_cell.length_c   139.470
_cell.angle_alpha   90.000
_cell.angle_beta   90.000
_cell.angle_gamma   90.000
#
_symmetry.space_group_name_H-M   'P 21 21 21'
#
loop_
_entity.id
_entity.type
_entity.pdbx_description
1 polymer 'Alr0975 protein'
2 non-polymer 'OXIDIZED GLUTATHIONE DISULFIDE'
3 non-polymer 'CALCIUM ION'
4 water water
#
_entity_poly.entity_id   1
_entity_poly.type   'polypeptide(L)'
_entity_poly.pdbx_seq_one_letter_code
;GPHMQTLTLSPNLIGFNSNEGEKLLLTSRSREDFFPLSMQFVTQVNQAYCGVASIIMVLNSLGINAPETAQYSPYRVFTQ
DNFFSNEKTKAVIAPEVVARQGMTLDELGRLIASYGVKVKVNHASDTNIEDFRKQVAENLKQDGNFVIVNYLRKEIGQER
GGHISPLAAYNEQTDRFLIMDVSRYKYPPVWVKTTDLWKAMNTVDSVSQKTRGFVFVSKTQD
;
_entity_poly.pdbx_strand_id   A,B
#
# COMPACT_ATOMS: atom_id res chain seq x y z
N GLY A 1 29.26 4.54 -40.99
CA GLY A 1 29.34 5.59 -39.94
C GLY A 1 29.48 7.00 -40.50
N PRO A 2 29.03 8.01 -39.73
CA PRO A 2 28.41 7.86 -38.42
C PRO A 2 26.99 7.28 -38.46
N HIS A 3 26.62 6.60 -37.39
CA HIS A 3 25.30 6.01 -37.23
C HIS A 3 24.22 7.10 -37.38
N MET A 4 23.28 6.86 -38.31
CA MET A 4 22.22 7.83 -38.60
C MET A 4 20.97 7.61 -37.75
N GLN A 5 20.89 6.52 -36.99
CA GLN A 5 19.85 6.31 -35.99
C GLN A 5 18.44 6.49 -36.57
N THR A 6 18.16 5.79 -37.66
CA THR A 6 16.90 6.03 -38.36
C THR A 6 15.70 5.64 -37.49
N LEU A 7 15.76 4.46 -36.87
CA LEU A 7 14.72 4.00 -35.97
C LEU A 7 15.19 4.18 -34.53
N THR A 8 14.43 4.96 -33.75
CA THR A 8 14.69 5.15 -32.32
C THR A 8 13.39 4.87 -31.59
N LEU A 9 13.52 4.34 -30.37
CA LEU A 9 12.38 3.89 -29.61
C LEU A 9 12.39 4.50 -28.22
N SER A 10 11.21 4.69 -27.65
CA SER A 10 11.11 5.09 -26.26
C SER A 10 10.28 4.08 -25.48
N PRO A 11 10.63 3.80 -24.23
CA PRO A 11 9.93 2.75 -23.48
C PRO A 11 8.47 3.07 -23.26
N ASN A 12 7.63 2.04 -23.30
CA ASN A 12 6.20 2.16 -23.09
C ASN A 12 5.81 1.44 -21.80
N LEU A 13 5.28 2.20 -20.84
CA LEU A 13 4.83 1.66 -19.56
C LEU A 13 3.31 1.62 -19.52
N ILE A 14 2.76 0.64 -18.80
CA ILE A 14 1.32 0.54 -18.57
C ILE A 14 1.06 0.71 -17.08
N GLY A 15 0.27 1.70 -16.72
CA GLY A 15 0.02 1.94 -15.31
C GLY A 15 -0.87 0.86 -14.70
N PHE A 16 -0.64 0.60 -13.40
N PHE A 16 -0.51 0.46 -13.49
N PHE A 16 -0.59 0.57 -13.43
CA PHE A 16 -1.32 -0.48 -12.68
CA PHE A 16 -1.47 -0.22 -12.64
CA PHE A 16 -1.38 -0.43 -12.72
C PHE A 16 -2.82 -0.26 -12.52
C PHE A 16 -2.74 0.58 -12.59
C PHE A 16 -2.84 -0.02 -12.62
N ASN A 17 -3.27 0.99 -12.45
N ASN A 17 -2.63 1.89 -12.79
N ASN A 17 -3.12 1.27 -12.44
CA ASN A 17 -4.68 1.33 -12.29
CA ASN A 17 -3.73 2.83 -12.74
CA ASN A 17 -4.48 1.77 -12.30
C ASN A 17 -5.38 1.64 -13.60
C ASN A 17 -4.57 2.88 -14.01
C ASN A 17 -5.14 2.10 -13.64
N SER A 18 -4.67 1.65 -14.73
N SER A 18 -4.73 1.76 -14.70
N SER A 18 -4.64 1.56 -14.74
CA SER A 18 -5.36 1.74 -16.01
CA SER A 18 -5.44 1.79 -15.97
CA SER A 18 -5.31 1.66 -16.03
C SER A 18 -6.12 0.45 -16.28
C SER A 18 -6.16 0.48 -16.24
C SER A 18 -6.15 0.42 -16.26
N ASN A 19 -7.12 0.53 -17.17
CA ASN A 19 -7.88 -0.66 -17.52
C ASN A 19 -6.96 -1.79 -18.01
N GLU A 20 -6.01 -1.45 -18.87
CA GLU A 20 -5.08 -2.48 -19.33
CA GLU A 20 -5.07 -2.47 -19.33
C GLU A 20 -4.22 -3.00 -18.18
N GLY A 21 -3.75 -2.11 -17.30
CA GLY A 21 -2.90 -2.54 -16.19
C GLY A 21 -3.63 -3.46 -15.24
N GLU A 22 -4.90 -3.18 -14.98
CA GLU A 22 -5.71 -4.10 -14.18
CA GLU A 22 -5.71 -4.10 -14.18
C GLU A 22 -5.79 -5.47 -14.84
N LYS A 23 -6.06 -5.48 -16.16
CA LYS A 23 -6.14 -6.74 -16.90
C LYS A 23 -4.83 -7.53 -16.83
N LEU A 24 -3.69 -6.84 -16.87
CA LEU A 24 -2.42 -7.55 -16.81
C LEU A 24 -2.25 -8.30 -15.48
N LEU A 25 -2.78 -7.76 -14.38
CA LEU A 25 -2.70 -8.51 -13.12
C LEU A 25 -3.61 -9.73 -13.19
N LEU A 26 -4.82 -9.56 -13.75
CA LEU A 26 -5.81 -10.62 -13.78
CA LEU A 26 -5.80 -10.64 -13.75
C LEU A 26 -5.42 -11.76 -14.71
N THR A 27 -4.66 -11.46 -15.76
CA THR A 27 -4.23 -12.47 -16.71
C THR A 27 -2.82 -12.99 -16.43
N SER A 28 -2.16 -12.48 -15.40
CA SER A 28 -0.86 -13.00 -14.98
C SER A 28 -1.02 -14.34 -14.29
N ARG A 29 -0.12 -15.27 -14.54
N ARG A 29 -0.09 -15.26 -14.57
CA ARG A 29 -0.08 -16.49 -13.73
CA ARG A 29 0.03 -16.54 -13.89
C ARG A 29 1.24 -16.58 -12.97
C ARG A 29 1.21 -16.55 -12.91
N SER A 30 1.84 -15.41 -12.69
CA SER A 30 3.06 -15.26 -11.89
C SER A 30 2.85 -14.04 -11.00
N ARG A 31 2.00 -14.19 -9.97
CA ARG A 31 1.52 -13.03 -9.21
C ARG A 31 1.32 -13.35 -7.74
N GLU A 32 1.88 -14.45 -7.23
CA GLU A 32 1.69 -14.79 -5.83
CA GLU A 32 1.69 -14.79 -5.83
C GLU A 32 2.20 -13.68 -4.91
N ASP A 33 3.31 -13.05 -5.29
CA ASP A 33 3.91 -12.05 -4.41
C ASP A 33 3.10 -10.77 -4.35
N PHE A 34 2.23 -10.53 -5.33
CA PHE A 34 1.47 -9.29 -5.35
C PHE A 34 0.65 -9.13 -4.08
N PHE A 35 0.00 -10.21 -3.64
CA PHE A 35 -0.94 -10.08 -2.53
C PHE A 35 -0.25 -9.66 -1.24
N PRO A 36 0.78 -10.36 -0.76
CA PRO A 36 1.45 -9.88 0.46
C PRO A 36 2.12 -8.52 0.28
N LEU A 37 2.72 -8.25 -0.88
CA LEU A 37 3.38 -6.95 -1.05
C LEU A 37 2.34 -5.83 -1.00
N SER A 38 1.18 -6.04 -1.63
CA SER A 38 0.16 -5.02 -1.64
C SER A 38 -0.28 -4.68 -0.22
N MET A 39 -0.32 -5.69 0.65
CA MET A 39 -0.71 -5.50 2.04
CA MET A 39 -0.74 -5.46 2.03
C MET A 39 0.27 -4.62 2.80
N GLN A 40 1.52 -4.56 2.32
CA GLN A 40 2.60 -3.88 3.02
C GLN A 40 3.05 -2.59 2.33
N PHE A 41 2.44 -2.22 1.21
CA PHE A 41 2.94 -1.13 0.37
C PHE A 41 3.00 0.16 1.19
N VAL A 42 4.11 0.88 1.05
CA VAL A 42 4.36 2.10 1.80
C VAL A 42 4.97 3.13 0.85
N THR A 43 4.83 4.41 1.23
CA THR A 43 5.55 5.50 0.58
C THR A 43 6.92 5.67 1.24
N GLN A 44 7.98 5.75 0.43
CA GLN A 44 9.27 6.10 1.00
C GLN A 44 9.13 7.40 1.79
N VAL A 45 9.77 7.48 2.96
CA VAL A 45 9.53 8.61 3.88
CA VAL A 45 9.52 8.59 3.86
C VAL A 45 10.24 9.87 3.44
N ASN A 46 11.26 9.75 2.60
CA ASN A 46 11.94 10.90 2.02
C ASN A 46 12.38 10.46 0.64
N GLN A 47 12.90 11.41 -0.14
CA GLN A 47 13.19 11.14 -1.54
C GLN A 47 14.45 10.31 -1.76
N ALA A 48 15.09 9.85 -0.68
CA ALA A 48 16.26 8.99 -0.77
C ALA A 48 16.03 7.60 -0.18
N TYR A 49 14.85 7.32 0.37
CA TYR A 49 14.64 6.13 1.18
CA TYR A 49 14.64 6.13 1.18
C TYR A 49 13.96 4.99 0.43
N CYS A 50 13.97 5.02 -0.92
CA CYS A 50 13.31 3.97 -1.69
C CYS A 50 13.79 2.57 -1.28
N GLY A 51 15.08 2.38 -1.01
CA GLY A 51 15.54 1.06 -0.63
C GLY A 51 15.03 0.61 0.72
N VAL A 52 14.94 1.54 1.67
CA VAL A 52 14.45 1.20 3.01
C VAL A 52 12.98 0.78 2.93
N ALA A 53 12.17 1.57 2.24
CA ALA A 53 10.76 1.22 2.03
C ALA A 53 10.62 -0.15 1.38
N SER A 54 11.45 -0.42 0.38
CA SER A 54 11.40 -1.70 -0.31
C SER A 54 11.74 -2.84 0.63
N ILE A 55 12.80 -2.67 1.43
CA ILE A 55 13.21 -3.71 2.35
C ILE A 55 12.09 -4.01 3.34
N ILE A 56 11.52 -2.97 3.96
CA ILE A 56 10.53 -3.24 5.01
CA ILE A 56 10.54 -3.28 5.01
C ILE A 56 9.28 -3.91 4.43
N MET A 57 8.91 -3.59 3.19
CA MET A 57 7.79 -4.28 2.57
C MET A 57 8.05 -5.79 2.53
N VAL A 58 9.26 -6.16 2.10
CA VAL A 58 9.64 -7.56 1.97
C VAL A 58 9.78 -8.22 3.34
N LEU A 59 10.44 -7.57 4.30
CA LEU A 59 10.58 -8.19 5.63
C LEU A 59 9.22 -8.43 6.26
N ASN A 60 8.32 -7.45 6.17
CA ASN A 60 6.98 -7.65 6.73
C ASN A 60 6.21 -8.74 5.97
N SER A 61 6.36 -8.80 4.65
CA SER A 61 5.70 -9.83 3.88
C SER A 61 6.20 -11.23 4.23
N LEU A 62 7.46 -11.35 4.65
CA LEU A 62 8.04 -12.62 5.06
C LEU A 62 7.74 -12.96 6.50
N GLY A 63 7.11 -12.05 7.25
CA GLY A 63 6.85 -12.28 8.65
C GLY A 63 8.08 -12.30 9.50
N ILE A 64 9.12 -11.55 9.13
CA ILE A 64 10.34 -11.49 9.92
C ILE A 64 10.02 -10.79 11.24
N ASN A 65 10.48 -11.37 12.34
CA ASN A 65 10.28 -10.79 13.67
CA ASN A 65 10.27 -10.77 13.67
C ASN A 65 10.79 -9.35 13.69
N ALA A 66 9.94 -8.43 14.15
CA ALA A 66 10.16 -7.00 13.96
C ALA A 66 10.46 -6.25 15.24
N PRO A 67 11.05 -5.06 15.12
CA PRO A 67 11.30 -4.24 16.31
C PRO A 67 10.00 -3.67 16.85
N GLU A 68 10.06 -3.27 18.12
N GLU A 68 10.09 -3.23 18.11
CA GLU A 68 8.91 -2.65 18.76
CA GLU A 68 8.96 -2.57 18.74
C GLU A 68 8.66 -1.27 18.15
C GLU A 68 8.60 -1.29 18.00
N THR A 69 7.38 -0.91 18.07
N THR A 69 7.33 -0.90 18.16
CA THR A 69 6.92 0.44 17.74
CA THR A 69 6.81 0.40 17.73
C THR A 69 5.95 0.84 18.85
C THR A 69 5.90 0.84 18.87
N ALA A 70 6.37 1.77 19.71
CA ALA A 70 5.56 2.16 20.86
C ALA A 70 4.16 2.57 20.45
N GLN A 71 4.03 3.24 19.30
CA GLN A 71 2.72 3.67 18.81
CA GLN A 71 2.72 3.68 18.83
C GLN A 71 1.80 2.50 18.49
N TYR A 72 2.37 1.31 18.24
CA TYR A 72 1.59 0.14 17.87
C TYR A 72 1.59 -0.95 18.94
N SER A 73 2.36 -0.79 20.00
CA SER A 73 2.48 -1.83 21.01
C SER A 73 1.09 -2.29 21.43
N PRO A 74 0.86 -3.60 21.59
CA PRO A 74 1.85 -4.68 21.58
C PRO A 74 2.23 -5.22 20.21
N TYR A 75 1.69 -4.63 19.14
CA TYR A 75 1.95 -5.09 17.79
C TYR A 75 3.28 -4.56 17.31
N ARG A 76 3.95 -5.35 16.46
N ARG A 76 3.94 -5.37 16.47
CA ARG A 76 5.26 -4.96 15.96
CA ARG A 76 5.26 -5.10 15.93
C ARG A 76 5.39 -5.23 14.47
C ARG A 76 5.25 -5.19 14.41
N VAL A 77 5.92 -4.24 13.75
CA VAL A 77 6.14 -4.33 12.32
CA VAL A 77 6.13 -4.30 12.31
C VAL A 77 7.42 -3.56 12.02
N PHE A 78 8.07 -3.91 10.91
CA PHE A 78 9.15 -3.07 10.42
C PHE A 78 8.57 -1.80 9.83
N THR A 79 9.22 -0.67 10.14
CA THR A 79 8.92 0.62 9.55
C THR A 79 10.23 1.21 9.07
N GLN A 80 10.13 2.27 8.26
CA GLN A 80 11.33 2.95 7.83
C GLN A 80 12.04 3.60 9.01
N ASP A 81 11.26 3.98 10.03
CA ASP A 81 11.81 4.62 11.21
C ASP A 81 12.53 3.64 12.14
N ASN A 82 12.10 2.37 12.22
CA ASN A 82 12.74 1.40 13.12
C ASN A 82 13.69 0.43 12.43
N PHE A 83 13.84 0.53 11.11
CA PHE A 83 14.66 -0.45 10.38
C PHE A 83 16.11 -0.44 10.85
N PHE A 84 16.63 0.71 11.25
CA PHE A 84 18.03 0.78 11.65
C PHE A 84 18.23 0.52 13.15
N SER A 85 17.24 -0.07 13.81
CA SER A 85 17.40 -0.41 15.22
CA SER A 85 17.39 -0.42 15.22
C SER A 85 18.54 -1.39 15.43
N ASN A 86 18.76 -2.29 14.50
CA ASN A 86 19.83 -3.26 14.54
C ASN A 86 21.15 -2.58 14.18
N GLU A 87 22.09 -2.55 15.12
CA GLU A 87 23.37 -1.89 14.87
C GLU A 87 24.08 -2.48 13.66
N LYS A 88 23.91 -3.77 13.38
CA LYS A 88 24.56 -4.35 12.20
C LYS A 88 24.07 -3.69 10.92
N THR A 89 22.81 -3.27 10.90
CA THR A 89 22.23 -2.56 9.76
CA THR A 89 22.26 -2.57 9.75
C THR A 89 22.91 -1.21 9.59
N LYS A 90 22.99 -0.45 10.69
CA LYS A 90 23.65 0.85 10.64
CA LYS A 90 23.65 0.85 10.64
C LYS A 90 25.10 0.70 10.19
N ALA A 91 25.75 -0.40 10.56
CA ALA A 91 27.14 -0.62 10.20
C ALA A 91 27.34 -0.83 8.71
N VAL A 92 26.31 -1.28 7.98
CA VAL A 92 26.39 -1.33 6.52
C VAL A 92 26.42 0.09 5.96
N ILE A 93 25.41 0.88 6.29
CA ILE A 93 25.31 2.27 5.88
C ILE A 93 24.38 2.95 6.88
N ALA A 94 24.79 4.12 7.38
CA ALA A 94 24.02 4.79 8.41
C ALA A 94 22.78 5.46 7.83
N PRO A 95 21.71 5.59 8.64
CA PRO A 95 20.48 6.19 8.10
C PRO A 95 20.66 7.60 7.58
N GLU A 96 21.52 8.40 8.23
CA GLU A 96 21.74 9.77 7.78
CA GLU A 96 21.72 9.77 7.77
CA GLU A 96 21.73 9.77 7.77
C GLU A 96 22.44 9.81 6.43
N VAL A 97 23.25 8.79 6.13
CA VAL A 97 23.89 8.69 4.83
C VAL A 97 22.88 8.24 3.77
N VAL A 98 22.07 7.22 4.07
CA VAL A 98 21.03 6.80 3.14
C VAL A 98 20.12 7.98 2.81
N ALA A 99 19.80 8.79 3.82
CA ALA A 99 18.89 9.91 3.61
C ALA A 99 19.44 10.94 2.64
N ARG A 100 20.75 10.97 2.43
CA ARG A 100 21.37 11.86 1.46
CA ARG A 100 21.37 11.86 1.47
C ARG A 100 21.62 11.20 0.10
N GLN A 101 22.12 9.96 0.10
CA GLN A 101 22.63 9.36 -1.13
CA GLN A 101 22.64 9.36 -1.13
C GLN A 101 21.97 8.04 -1.51
N GLY A 102 21.02 7.55 -0.72
CA GLY A 102 20.41 6.27 -1.04
C GLY A 102 21.36 5.12 -0.73
N MET A 103 21.12 4.00 -1.41
CA MET A 103 21.92 2.81 -1.21
C MET A 103 22.21 2.14 -2.55
N THR A 104 23.35 1.47 -2.62
CA THR A 104 23.70 0.70 -3.81
C THR A 104 23.05 -0.69 -3.73
N LEU A 105 23.12 -1.41 -4.85
CA LEU A 105 22.61 -2.78 -4.88
C LEU A 105 23.29 -3.65 -3.83
N ASP A 106 24.62 -3.56 -3.72
CA ASP A 106 25.31 -4.37 -2.72
C ASP A 106 24.92 -3.96 -1.30
N GLU A 107 24.73 -2.66 -1.05
CA GLU A 107 24.30 -2.21 0.28
C GLU A 107 22.89 -2.71 0.59
N LEU A 108 22.00 -2.69 -0.40
CA LEU A 108 20.66 -3.25 -0.24
C LEU A 108 20.73 -4.69 0.23
N GLY A 109 21.54 -5.52 -0.44
CA GLY A 109 21.67 -6.90 -0.02
C GLY A 109 22.23 -7.05 1.38
N ARG A 110 23.26 -6.27 1.71
CA ARG A 110 23.88 -6.35 3.04
C ARG A 110 22.93 -5.88 4.13
N LEU A 111 22.13 -4.85 3.85
CA LEU A 111 21.16 -4.38 4.83
C LEU A 111 20.13 -5.45 5.15
N ILE A 112 19.65 -6.16 4.12
CA ILE A 112 18.73 -7.28 4.36
C ILE A 112 19.42 -8.37 5.16
N ALA A 113 20.63 -8.74 4.74
CA ALA A 113 21.34 -9.84 5.38
C ALA A 113 21.69 -9.54 6.82
N SER A 114 21.74 -8.26 7.20
CA SER A 114 22.07 -7.89 8.59
C SER A 114 20.99 -8.35 9.56
N TYR A 115 19.79 -8.68 9.07
CA TYR A 115 18.72 -9.25 9.88
C TYR A 115 18.69 -10.77 9.79
N GLY A 116 19.71 -11.38 9.18
CA GLY A 116 19.78 -12.84 9.14
C GLY A 116 18.92 -13.46 8.07
N VAL A 117 18.39 -12.66 7.15
CA VAL A 117 17.51 -13.07 6.08
C VAL A 117 18.36 -13.49 4.88
N LYS A 118 17.94 -14.52 4.17
N LYS A 118 17.93 -14.54 4.18
CA LYS A 118 18.72 -15.05 3.06
CA LYS A 118 18.69 -15.06 3.04
C LYS A 118 18.57 -14.17 1.83
C LYS A 118 18.56 -14.15 1.83
N VAL A 119 19.70 -13.86 1.17
CA VAL A 119 19.69 -12.99 0.01
CA VAL A 119 19.73 -12.94 0.04
C VAL A 119 20.61 -13.52 -1.07
N LYS A 120 20.25 -13.21 -2.32
CA LYS A 120 21.10 -13.44 -3.47
C LYS A 120 21.07 -12.17 -4.30
N VAL A 121 22.23 -11.50 -4.41
CA VAL A 121 22.36 -10.28 -5.19
C VAL A 121 22.86 -10.64 -6.58
N ASN A 122 22.16 -10.12 -7.59
CA ASN A 122 22.48 -10.37 -9.00
CA ASN A 122 22.50 -10.37 -8.99
C ASN A 122 22.73 -9.04 -9.70
N HIS A 123 24.01 -8.69 -9.90
CA HIS A 123 24.33 -7.56 -10.75
C HIS A 123 24.03 -7.97 -12.19
N ALA A 124 23.48 -7.04 -12.98
CA ALA A 124 23.15 -7.35 -14.37
C ALA A 124 24.37 -7.86 -15.13
N SER A 125 25.56 -7.31 -14.85
CA SER A 125 26.76 -7.68 -15.58
C SER A 125 27.14 -9.14 -15.38
N ASP A 126 26.61 -9.80 -14.34
CA ASP A 126 26.94 -11.17 -14.02
C ASP A 126 25.84 -12.15 -14.41
N THR A 127 24.84 -11.68 -15.14
CA THR A 127 23.77 -12.55 -15.61
C THR A 127 23.34 -12.06 -16.99
N ASN A 128 22.11 -12.41 -17.39
CA ASN A 128 21.63 -12.10 -18.73
C ASN A 128 20.12 -12.01 -18.67
N ILE A 129 19.54 -11.41 -19.71
CA ILE A 129 18.10 -11.12 -19.69
C ILE A 129 17.28 -12.40 -19.58
N GLU A 130 17.73 -13.47 -20.25
CA GLU A 130 16.97 -14.72 -20.23
C GLU A 130 16.93 -15.32 -18.83
N ASP A 131 18.05 -15.33 -18.12
CA ASP A 131 18.05 -15.89 -16.78
C ASP A 131 17.31 -14.99 -15.80
N PHE A 132 17.42 -13.67 -15.95
CA PHE A 132 16.62 -12.75 -15.16
C PHE A 132 15.13 -13.07 -15.31
N ARG A 133 14.65 -13.12 -16.55
CA ARG A 133 13.22 -13.30 -16.78
C ARG A 133 12.76 -14.61 -16.16
N LYS A 134 13.50 -15.68 -16.44
CA LYS A 134 13.12 -17.02 -15.98
C LYS A 134 13.13 -17.12 -14.46
N GLN A 135 14.20 -16.65 -13.83
CA GLN A 135 14.34 -16.83 -12.40
C GLN A 135 13.38 -15.93 -11.63
N VAL A 136 13.14 -14.72 -12.12
CA VAL A 136 12.23 -13.81 -11.44
C VAL A 136 10.79 -14.27 -11.62
N ALA A 137 10.41 -14.69 -12.83
CA ALA A 137 9.05 -15.21 -13.03
C ALA A 137 8.79 -16.40 -12.12
N GLU A 138 9.79 -17.26 -11.93
CA GLU A 138 9.62 -18.40 -11.02
C GLU A 138 9.41 -17.92 -9.59
N ASN A 139 10.25 -16.98 -9.12
CA ASN A 139 10.07 -16.45 -7.78
C ASN A 139 8.67 -15.86 -7.61
N LEU A 140 8.17 -15.15 -8.62
CA LEU A 140 6.87 -14.50 -8.49
C LEU A 140 5.72 -15.49 -8.35
N LYS A 141 5.93 -16.77 -8.73
CA LYS A 141 4.94 -17.83 -8.52
C LYS A 141 5.06 -18.47 -7.15
N GLN A 142 6.10 -18.15 -6.40
CA GLN A 142 6.44 -18.86 -5.17
C GLN A 142 6.21 -17.97 -3.95
N ASP A 143 5.54 -18.52 -2.95
CA ASP A 143 5.46 -17.87 -1.67
C ASP A 143 6.78 -18.02 -0.91
N GLY A 144 6.98 -17.17 0.09
CA GLY A 144 8.14 -17.27 0.95
C GLY A 144 9.42 -16.67 0.40
N ASN A 145 9.34 -15.97 -0.73
CA ASN A 145 10.50 -15.32 -1.31
C ASN A 145 10.00 -14.14 -2.15
N PHE A 146 10.90 -13.17 -2.37
CA PHE A 146 10.55 -11.92 -3.03
C PHE A 146 11.72 -11.45 -3.87
N VAL A 147 11.43 -10.46 -4.71
CA VAL A 147 12.42 -9.86 -5.60
C VAL A 147 12.37 -8.34 -5.47
N ILE A 148 13.53 -7.71 -5.35
CA ILE A 148 13.67 -6.26 -5.39
C ILE A 148 14.60 -5.91 -6.55
N VAL A 149 14.22 -4.89 -7.32
CA VAL A 149 15.03 -4.40 -8.43
C VAL A 149 15.62 -3.03 -8.12
N ASN A 150 16.80 -2.79 -8.70
CA ASN A 150 17.53 -1.52 -8.69
C ASN A 150 17.79 -1.17 -10.15
N TYR A 151 17.32 0.00 -10.59
CA TYR A 151 17.33 0.33 -12.01
C TYR A 151 17.38 1.84 -12.22
N LEU A 152 17.89 2.24 -13.37
CA LEU A 152 17.92 3.65 -13.76
C LEU A 152 16.58 4.05 -14.35
N ARG A 153 15.87 4.97 -13.69
CA ARG A 153 14.52 5.33 -14.13
CA ARG A 153 14.52 5.31 -14.15
C ARG A 153 14.51 5.81 -15.59
N LYS A 154 15.53 6.57 -15.97
CA LYS A 154 15.57 7.14 -17.32
CA LYS A 154 15.57 7.14 -17.32
CA LYS A 154 15.57 7.14 -17.32
C LYS A 154 15.34 6.06 -18.38
N GLU A 155 15.88 4.87 -18.16
CA GLU A 155 15.84 3.83 -19.18
C GLU A 155 14.49 3.15 -19.30
N ILE A 156 13.56 3.39 -18.38
CA ILE A 156 12.19 2.94 -18.58
C ILE A 156 11.26 4.11 -18.88
N GLY A 157 11.81 5.29 -19.16
CA GLY A 157 11.00 6.42 -19.56
C GLY A 157 10.54 7.31 -18.44
N GLN A 158 11.09 7.16 -17.24
CA GLN A 158 10.77 7.98 -16.09
C GLN A 158 11.97 8.84 -15.75
N GLU A 159 11.82 9.67 -14.75
CA GLU A 159 12.88 10.58 -14.33
C GLU A 159 13.21 10.25 -12.89
N ARG A 160 14.48 9.92 -12.62
CA ARG A 160 15.56 9.87 -13.61
CA ARG A 160 15.56 9.87 -13.61
C ARG A 160 16.67 8.92 -13.17
N GLY A 161 17.16 9.13 -11.95
CA GLY A 161 18.30 8.39 -11.43
C GLY A 161 17.93 6.99 -10.96
N GLY A 162 18.88 6.41 -10.23
CA GLY A 162 18.72 5.05 -9.77
C GLY A 162 17.62 4.94 -8.72
N HIS A 163 16.82 3.89 -8.84
CA HIS A 163 15.68 3.66 -7.97
C HIS A 163 15.68 2.20 -7.55
N ILE A 164 14.96 1.93 -6.46
CA ILE A 164 14.80 0.60 -5.91
C ILE A 164 13.31 0.41 -5.59
N SER A 165 12.74 -0.74 -5.99
CA SER A 165 11.39 -1.10 -5.57
C SER A 165 11.17 -2.60 -5.77
N PRO A 166 10.22 -3.19 -5.05
CA PRO A 166 9.89 -4.61 -5.26
C PRO A 166 9.17 -4.86 -6.57
N LEU A 167 9.34 -6.07 -7.08
CA LEU A 167 8.50 -6.60 -8.16
C LEU A 167 7.38 -7.45 -7.57
N ALA A 168 6.19 -7.35 -8.16
CA ALA A 168 5.01 -8.04 -7.62
C ALA A 168 4.42 -9.09 -8.56
N ALA A 169 4.65 -9.00 -9.86
CA ALA A 169 3.99 -9.92 -10.78
C ALA A 169 4.68 -9.86 -12.13
N TYR A 170 4.43 -10.88 -12.95
CA TYR A 170 4.93 -10.98 -14.31
C TYR A 170 3.76 -11.41 -15.18
N ASN A 171 3.52 -10.66 -16.25
CA ASN A 171 2.47 -10.98 -17.20
C ASN A 171 3.12 -11.66 -18.40
N GLU A 172 2.80 -12.93 -18.56
CA GLU A 172 3.45 -13.74 -19.58
C GLU A 172 3.11 -13.27 -20.98
N GLN A 173 1.84 -12.91 -21.21
CA GLN A 173 1.42 -12.61 -22.58
CA GLN A 173 1.41 -12.60 -22.58
C GLN A 173 2.11 -11.36 -23.12
N THR A 174 2.38 -10.39 -22.26
CA THR A 174 3.01 -9.14 -22.67
C THR A 174 4.49 -9.06 -22.31
N ASP A 175 5.03 -10.05 -21.59
CA ASP A 175 6.41 -10.02 -21.14
C ASP A 175 6.71 -8.75 -20.35
N ARG A 176 5.86 -8.47 -19.35
CA ARG A 176 6.02 -7.29 -18.51
C ARG A 176 6.04 -7.65 -17.03
N PHE A 177 6.84 -6.91 -16.26
CA PHE A 177 6.89 -7.04 -14.82
C PHE A 177 6.23 -5.83 -14.16
N LEU A 178 5.57 -6.08 -13.01
CA LEU A 178 4.91 -5.04 -12.24
C LEU A 178 5.85 -4.54 -11.13
N ILE A 179 6.22 -3.26 -11.21
CA ILE A 179 7.05 -2.62 -10.20
C ILE A 179 6.14 -1.93 -9.19
N MET A 180 6.24 -2.31 -7.91
CA MET A 180 5.51 -1.65 -6.82
CA MET A 180 5.50 -1.66 -6.82
C MET A 180 6.31 -0.44 -6.36
N ASP A 181 6.16 0.67 -7.11
CA ASP A 181 7.03 1.84 -6.95
C ASP A 181 6.72 2.55 -5.64
N VAL A 182 7.69 2.54 -4.71
CA VAL A 182 7.52 3.16 -3.41
C VAL A 182 7.56 4.68 -3.45
N SER A 183 7.86 5.29 -4.59
CA SER A 183 7.73 6.75 -4.72
C SER A 183 6.29 7.11 -5.05
N ARG A 184 5.38 6.80 -4.11
CA ARG A 184 3.96 6.82 -4.44
C ARG A 184 3.44 8.22 -4.69
N TYR A 185 4.15 9.25 -4.20
CA TYR A 185 3.81 10.65 -4.46
C TYR A 185 4.16 11.10 -5.89
N LYS A 186 4.90 10.28 -6.65
CA LYS A 186 5.41 10.65 -7.97
CA LYS A 186 5.41 10.65 -7.97
C LYS A 186 4.86 9.78 -9.08
N TYR A 187 4.86 8.46 -8.90
CA TYR A 187 4.43 7.55 -9.93
C TYR A 187 3.56 6.45 -9.34
N PRO A 188 2.66 5.89 -10.14
CA PRO A 188 1.95 4.67 -9.77
C PRO A 188 2.81 3.45 -9.99
N PRO A 189 2.39 2.28 -9.50
CA PRO A 189 3.02 1.04 -9.98
C PRO A 189 2.86 0.94 -11.49
N VAL A 190 3.86 0.36 -12.17
CA VAL A 190 3.87 0.25 -13.61
C VAL A 190 4.26 -1.16 -14.05
N TRP A 191 3.72 -1.56 -15.20
CA TRP A 191 4.10 -2.76 -15.91
C TRP A 191 5.10 -2.39 -16.99
N VAL A 192 6.31 -2.92 -16.86
CA VAL A 192 7.45 -2.59 -17.70
CA VAL A 192 7.46 -2.59 -17.70
C VAL A 192 7.88 -3.82 -18.51
N LYS A 193 8.17 -3.61 -19.79
CA LYS A 193 8.69 -4.70 -20.60
CA LYS A 193 8.69 -4.69 -20.62
C LYS A 193 10.01 -5.20 -20.06
N THR A 194 10.19 -6.51 -20.08
CA THR A 194 11.44 -7.10 -19.63
C THR A 194 12.65 -6.46 -20.28
N THR A 195 12.59 -6.21 -21.59
CA THR A 195 13.76 -5.65 -22.27
CA THR A 195 13.74 -5.62 -22.30
C THR A 195 14.11 -4.27 -21.72
N ASP A 196 13.11 -3.46 -21.37
CA ASP A 196 13.38 -2.13 -20.83
C ASP A 196 13.91 -2.22 -19.40
N LEU A 197 13.31 -3.09 -18.59
CA LEU A 197 13.79 -3.24 -17.22
C LEU A 197 15.22 -3.78 -17.20
N TRP A 198 15.51 -4.75 -18.09
CA TRP A 198 16.87 -5.25 -18.22
C TRP A 198 17.83 -4.12 -18.58
N LYS A 199 17.51 -3.34 -19.61
CA LYS A 199 18.38 -2.22 -19.98
CA LYS A 199 18.38 -2.21 -19.97
CA LYS A 199 18.36 -2.21 -19.98
C LYS A 199 18.59 -1.29 -18.79
N ALA A 200 17.54 -1.04 -18.01
CA ALA A 200 17.64 -0.11 -16.89
C ALA A 200 18.49 -0.67 -15.76
N MET A 201 18.51 -1.99 -15.58
CA MET A 201 19.37 -2.60 -14.58
C MET A 201 20.80 -2.71 -15.05
N ASN A 202 20.99 -2.87 -16.37
CA ASN A 202 22.31 -3.04 -16.96
C ASN A 202 22.98 -1.69 -17.22
N THR A 203 22.96 -0.85 -16.20
CA THR A 203 23.59 0.45 -16.16
C THR A 203 24.53 0.50 -14.97
N VAL A 204 25.54 1.37 -15.05
CA VAL A 204 26.56 1.46 -14.02
C VAL A 204 26.22 2.60 -13.07
N ASP A 205 26.12 2.26 -11.78
CA ASP A 205 25.90 3.22 -10.70
C ASP A 205 27.26 3.80 -10.33
N SER A 206 27.42 5.11 -10.47
CA SER A 206 28.71 5.71 -10.15
C SER A 206 29.08 5.61 -8.67
N VAL A 207 28.11 5.40 -7.78
CA VAL A 207 28.45 5.27 -6.37
C VAL A 207 29.20 3.97 -6.12
N SER A 208 28.79 2.89 -6.77
CA SER A 208 29.40 1.59 -6.61
C SER A 208 30.43 1.25 -7.69
N GLN A 209 30.37 1.94 -8.83
CA GLN A 209 31.14 1.56 -10.02
CA GLN A 209 31.14 1.56 -10.02
C GLN A 209 30.81 0.14 -10.47
N LYS A 210 29.59 -0.32 -10.16
CA LYS A 210 29.10 -1.62 -10.59
C LYS A 210 27.74 -1.44 -11.23
N THR A 211 27.29 -2.47 -11.96
CA THR A 211 25.95 -2.40 -12.50
C THR A 211 24.90 -2.47 -11.39
N ARG A 212 23.70 -2.05 -11.75
CA ARG A 212 22.48 -2.27 -10.99
C ARG A 212 22.03 -3.71 -11.22
N GLY A 213 20.81 -4.07 -10.87
CA GLY A 213 20.42 -5.47 -10.88
C GLY A 213 19.26 -5.75 -9.92
N PHE A 214 19.25 -6.95 -9.37
CA PHE A 214 18.09 -7.45 -8.66
C PHE A 214 18.54 -8.35 -7.53
N VAL A 215 17.71 -8.45 -6.50
CA VAL A 215 18.02 -9.24 -5.32
CA VAL A 215 18.00 -9.21 -5.29
C VAL A 215 16.84 -10.15 -5.01
N PHE A 216 17.15 -11.41 -4.72
CA PHE A 216 16.19 -12.38 -4.23
C PHE A 216 16.30 -12.45 -2.71
N VAL A 217 15.16 -12.49 -2.04
CA VAL A 217 15.09 -12.50 -0.58
C VAL A 217 14.18 -13.63 -0.14
N SER A 218 14.61 -14.41 0.85
CA SER A 218 13.80 -15.53 1.32
C SER A 218 14.02 -15.72 2.81
N LYS A 219 13.11 -16.45 3.44
CA LYS A 219 13.22 -16.68 4.88
C LYS A 219 13.95 -17.98 5.17
N THR A 220 14.85 -17.93 6.14
CA THR A 220 15.69 -19.07 6.49
C THR A 220 14.95 -20.03 7.41
N HIS B 3 4.38 -15.84 6.67
CA HIS B 3 3.79 -14.51 6.31
C HIS B 3 3.62 -13.64 7.57
N MET B 4 3.31 -12.36 7.33
N MET B 4 3.06 -12.44 7.42
CA MET B 4 3.20 -11.38 8.41
CA MET B 4 3.01 -11.46 8.50
CA MET B 4 2.62 -10.30 7.30
C MET B 4 2.36 -11.95 9.53
C MET B 4 2.47 -11.97 9.83
N GLN B 5 2.87 -11.85 10.76
N GLN B 5 2.88 -11.28 10.90
CA GLN B 5 2.21 -12.44 11.93
CA GLN B 5 2.56 -11.65 12.28
C GLN B 5 1.33 -11.38 12.61
C GLN B 5 1.37 -10.82 12.80
N THR B 6 0.19 -11.12 11.99
N THR B 6 0.25 -10.92 12.08
CA THR B 6 -0.90 -10.35 12.58
CA THR B 6 -1.00 -10.32 12.49
C THR B 6 -1.75 -11.28 13.44
C THR B 6 -1.74 -11.27 13.44
N LEU B 7 -2.81 -10.75 14.05
CA LEU B 7 -3.64 -11.56 14.92
C LEU B 7 -4.42 -12.60 14.12
N THR B 8 -4.60 -13.77 14.71
CA THR B 8 -5.42 -14.80 14.10
C THR B 8 -6.85 -14.32 13.96
N LEU B 9 -7.43 -14.52 12.78
CA LEU B 9 -8.77 -14.05 12.53
C LEU B 9 -9.84 -15.01 13.04
N SER B 10 -10.94 -14.44 13.49
CA SER B 10 -12.10 -15.27 13.76
CA SER B 10 -12.16 -15.20 13.73
C SER B 10 -12.56 -15.92 12.45
N PRO B 11 -13.09 -17.15 12.53
CA PRO B 11 -13.31 -17.94 11.30
C PRO B 11 -14.44 -17.43 10.43
N ASN B 12 -15.28 -16.52 10.92
CA ASN B 12 -16.28 -15.89 10.06
C ASN B 12 -15.66 -14.94 9.04
N LEU B 13 -14.39 -14.58 9.22
CA LEU B 13 -13.69 -13.68 8.31
C LEU B 13 -12.73 -14.48 7.44
N ILE B 14 -12.58 -14.07 6.18
CA ILE B 14 -11.61 -14.67 5.28
C ILE B 14 -10.54 -13.63 5.02
N GLY B 15 -9.31 -13.90 5.47
CA GLY B 15 -8.24 -12.93 5.30
C GLY B 15 -7.81 -12.81 3.85
N PHE B 16 -7.53 -11.57 3.45
N PHE B 16 -7.24 -11.65 3.50
CA PHE B 16 -6.81 -11.31 2.21
CA PHE B 16 -7.04 -11.33 2.08
C PHE B 16 -5.50 -12.08 2.21
C PHE B 16 -5.89 -12.10 1.41
N ASN B 17 -4.96 -12.38 3.39
N ASN B 17 -4.85 -12.46 2.14
CA ASN B 17 -3.71 -13.12 3.53
CA ASN B 17 -3.73 -13.21 1.56
C ASN B 17 -3.93 -14.63 3.52
C ASN B 17 -3.74 -14.68 1.95
N SER B 18 -4.80 -15.14 2.62
CA SER B 18 -5.08 -16.56 2.53
C SER B 18 -5.38 -16.89 1.07
N ASN B 19 -5.22 -18.15 0.67
CA ASN B 19 -5.52 -18.54 -0.70
CA ASN B 19 -5.49 -18.46 -0.72
CA ASN B 19 -5.52 -18.55 -0.70
C ASN B 19 -6.96 -18.20 -1.06
N GLU B 20 -7.89 -18.53 -0.16
N GLU B 20 -7.88 -18.54 -0.16
CA GLU B 20 -9.29 -18.24 -0.43
CA GLU B 20 -9.29 -18.26 -0.41
C GLU B 20 -9.51 -16.75 -0.57
C GLU B 20 -9.53 -16.76 -0.53
N GLY B 21 -8.86 -15.96 0.30
CA GLY B 21 -9.01 -14.51 0.21
C GLY B 21 -8.53 -13.93 -1.11
N GLU B 22 -7.45 -14.48 -1.66
CA GLU B 22 -6.99 -14.05 -2.98
C GLU B 22 -8.01 -14.40 -4.04
N LYS B 23 -8.56 -15.62 -3.97
CA LYS B 23 -9.54 -16.03 -4.97
CA LYS B 23 -9.55 -16.06 -4.94
C LYS B 23 -10.80 -15.19 -4.91
N LEU B 24 -11.19 -14.69 -3.74
CA LEU B 24 -12.37 -13.86 -3.68
C LEU B 24 -12.17 -12.55 -4.43
N LEU B 25 -10.93 -12.04 -4.47
CA LEU B 25 -10.67 -10.88 -5.30
C LEU B 25 -10.73 -11.25 -6.77
N LEU B 26 -10.14 -12.40 -7.13
CA LEU B 26 -10.05 -12.82 -8.52
C LEU B 26 -11.42 -13.17 -9.10
N THR B 27 -12.37 -13.59 -8.25
CA THR B 27 -13.71 -13.94 -8.72
C THR B 27 -14.73 -12.85 -8.43
N SER B 28 -14.31 -11.72 -7.87
CA SER B 28 -15.19 -10.58 -7.68
C SER B 28 -15.44 -9.88 -9.01
N ARG B 29 -16.69 -9.44 -9.22
CA ARG B 29 -17.05 -8.59 -10.34
C ARG B 29 -17.32 -7.16 -9.90
N SER B 30 -16.89 -6.81 -8.69
CA SER B 30 -17.14 -5.49 -8.08
C SER B 30 -15.85 -5.11 -7.33
N ARG B 31 -14.82 -4.71 -8.09
CA ARG B 31 -13.48 -4.58 -7.51
C ARG B 31 -12.68 -3.44 -8.12
N GLU B 32 -13.31 -2.53 -8.85
CA GLU B 32 -12.54 -1.45 -9.47
CA GLU B 32 -12.54 -1.45 -9.46
C GLU B 32 -11.81 -0.63 -8.41
N ASP B 33 -12.45 -0.38 -7.26
CA ASP B 33 -11.83 0.49 -6.27
C ASP B 33 -10.59 -0.13 -5.64
N PHE B 34 -10.44 -1.46 -5.69
CA PHE B 34 -9.28 -2.11 -5.11
C PHE B 34 -7.99 -1.54 -5.68
N PHE B 35 -7.97 -1.26 -6.98
CA PHE B 35 -6.71 -0.87 -7.60
C PHE B 35 -6.20 0.46 -7.06
N PRO B 36 -6.95 1.55 -7.13
CA PRO B 36 -6.43 2.80 -6.55
CA PRO B 36 -6.43 2.80 -6.55
C PRO B 36 -6.26 2.74 -5.04
N LEU B 37 -7.16 2.07 -4.32
CA LEU B 37 -7.01 2.02 -2.88
C LEU B 37 -5.77 1.26 -2.47
N SER B 38 -5.49 0.13 -3.13
CA SER B 38 -4.26 -0.60 -2.82
C SER B 38 -3.03 0.27 -3.07
N MET B 39 -3.07 1.09 -4.13
CA MET B 39 -1.97 1.98 -4.44
C MET B 39 -1.67 2.97 -3.33
N GLN B 40 -2.68 3.30 -2.52
CA GLN B 40 -2.60 4.31 -1.48
C GLN B 40 -2.60 3.74 -0.08
N PHE B 41 -2.62 2.41 0.07
CA PHE B 41 -2.83 1.78 1.38
C PHE B 41 -1.74 2.24 2.34
N VAL B 42 -2.13 2.60 3.55
CA VAL B 42 -1.23 3.13 4.55
CA VAL B 42 -1.22 3.11 4.56
C VAL B 42 -1.60 2.53 5.91
N THR B 43 -0.61 2.52 6.81
CA THR B 43 -0.84 2.15 8.21
C THR B 43 -1.23 3.39 9.00
N GLN B 44 -2.31 3.29 9.79
CA GLN B 44 -2.64 4.37 10.70
C GLN B 44 -1.43 4.62 11.61
N VAL B 45 -1.10 5.91 11.82
CA VAL B 45 0.14 6.24 12.49
CA VAL B 45 0.14 6.26 12.50
C VAL B 45 0.08 6.07 14.01
N ASN B 46 -1.11 5.99 14.57
CA ASN B 46 -1.30 5.71 15.98
C ASN B 46 -2.63 4.97 16.09
N GLN B 47 -2.96 4.50 17.28
N GLN B 47 -2.95 4.49 17.29
CA GLN B 47 -4.13 3.64 17.43
CA GLN B 47 -4.65 2.85 17.59
CA GLN B 47 -4.13 3.64 17.45
C GLN B 47 -5.45 4.40 17.44
C GLN B 47 -5.45 4.40 17.44
N ALA B 48 -5.42 5.72 17.24
CA ALA B 48 -6.62 6.51 17.14
C ALA B 48 -6.87 7.07 15.74
N TYR B 49 -5.93 6.89 14.81
CA TYR B 49 -5.94 7.62 13.54
CA TYR B 49 -5.96 7.63 13.54
C TYR B 49 -6.54 6.82 12.37
N CYS B 50 -7.30 5.75 12.65
CA CYS B 50 -7.88 4.96 11.57
C CYS B 50 -8.67 5.83 10.59
N GLY B 51 -9.45 6.79 11.09
CA GLY B 51 -10.22 7.59 10.18
C GLY B 51 -9.37 8.48 9.30
N VAL B 52 -8.29 9.03 9.86
CA VAL B 52 -7.41 9.88 9.09
C VAL B 52 -6.72 9.09 7.98
N ALA B 53 -6.19 7.91 8.31
CA ALA B 53 -5.59 7.05 7.31
C ALA B 53 -6.59 6.72 6.22
N SER B 54 -7.83 6.41 6.60
CA SER B 54 -8.85 6.07 5.61
C SER B 54 -9.15 7.25 4.68
N ILE B 55 -9.31 8.43 5.26
CA ILE B 55 -9.59 9.62 4.46
C ILE B 55 -8.47 9.84 3.45
N ILE B 56 -7.21 9.81 3.90
CA ILE B 56 -6.14 10.15 2.96
CA ILE B 56 -6.14 10.16 2.95
C ILE B 56 -6.02 9.10 1.85
N MET B 57 -6.33 7.84 2.13
CA MET B 57 -6.35 6.85 1.06
C MET B 57 -7.32 7.27 -0.03
N VAL B 58 -8.52 7.71 0.37
CA VAL B 58 -9.54 8.10 -0.59
C VAL B 58 -9.19 9.41 -1.29
N LEU B 59 -8.72 10.41 -0.56
CA LEU B 59 -8.41 11.69 -1.21
C LEU B 59 -7.25 11.54 -2.18
N ASN B 60 -6.24 10.73 -1.82
CA ASN B 60 -5.15 10.47 -2.76
C ASN B 60 -5.66 9.68 -3.97
N SER B 61 -6.57 8.71 -3.74
CA SER B 61 -7.11 7.94 -4.86
C SER B 61 -7.89 8.82 -5.82
N LEU B 62 -8.58 9.84 -5.32
CA LEU B 62 -9.32 10.78 -6.15
C LEU B 62 -8.43 11.79 -6.86
N GLY B 63 -7.16 11.91 -6.48
CA GLY B 63 -6.26 12.82 -7.14
C GLY B 63 -6.47 14.28 -6.84
N ILE B 64 -7.20 14.64 -5.81
N ILE B 64 -7.14 14.57 -5.71
CA ILE B 64 -7.43 16.06 -5.61
CA ILE B 64 -7.34 15.93 -5.21
C ILE B 64 -6.17 16.71 -5.04
C ILE B 64 -6.01 16.67 -5.11
N ASN B 65 -6.01 17.97 -5.41
CA ASN B 65 -4.83 18.75 -5.07
C ASN B 65 -4.55 18.64 -3.57
N ALA B 66 -3.34 18.30 -3.22
CA ALA B 66 -2.97 17.98 -1.86
C ALA B 66 -2.18 19.08 -1.17
N PRO B 67 -2.10 19.01 0.15
CA PRO B 67 -1.34 20.01 0.90
C PRO B 67 0.16 19.75 0.79
N GLU B 68 0.91 20.76 1.23
CA GLU B 68 2.36 20.64 1.26
CA GLU B 68 2.37 20.66 1.27
C GLU B 68 2.80 19.50 2.17
N THR B 69 3.88 18.81 1.84
N THR B 69 3.90 18.87 1.75
CA THR B 69 4.38 17.74 2.70
CA THR B 69 4.58 17.77 2.41
C THR B 69 5.73 18.13 3.30
C THR B 69 6.06 18.06 2.17
N ALA B 70 6.15 17.36 4.30
N ALA B 70 6.73 18.64 3.17
CA ALA B 70 7.43 17.63 4.95
CA ALA B 70 8.07 19.18 2.97
C ALA B 70 8.63 17.21 4.11
C ALA B 70 9.01 18.14 2.36
N GLN B 71 8.48 16.20 3.23
N GLN B 71 9.08 16.97 2.97
CA GLN B 71 9.64 15.61 2.59
CA GLN B 71 10.01 15.93 2.53
C GLN B 71 9.56 15.47 1.08
C GLN B 71 9.66 15.39 1.15
N TYR B 72 8.39 15.62 0.47
N TYR B 72 8.53 15.78 0.57
CA TYR B 72 8.23 15.25 -0.93
CA TYR B 72 8.15 15.35 -0.76
C TYR B 72 8.27 16.42 -1.89
C TYR B 72 8.17 16.46 -1.79
N SER B 73 8.42 17.65 -1.39
N SER B 73 8.30 17.71 -1.37
CA SER B 73 8.39 18.83 -2.24
CA SER B 73 8.22 18.82 -2.30
C SER B 73 9.29 18.62 -3.46
C SER B 73 9.20 18.62 -3.44
N PRO B 74 8.81 18.93 -4.68
CA PRO B 74 7.57 19.64 -5.03
C PRO B 74 6.31 18.78 -5.15
N TYR B 75 6.45 17.48 -4.97
N TYR B 75 6.45 17.47 -5.01
CA TYR B 75 5.32 16.57 -5.05
CA TYR B 75 5.30 16.59 -5.05
C TYR B 75 4.47 16.69 -3.78
C TYR B 75 4.44 16.83 -3.82
N ARG B 76 3.16 16.52 -3.96
CA ARG B 76 2.23 16.64 -2.85
C ARG B 76 1.31 15.45 -2.81
N VAL B 77 1.05 14.98 -1.59
CA VAL B 77 0.06 13.95 -1.32
C VAL B 77 -0.54 14.27 0.04
N PHE B 78 -1.72 13.72 0.28
CA PHE B 78 -2.27 13.73 1.63
C PHE B 78 -1.51 12.72 2.50
N THR B 79 -1.14 13.17 3.70
CA THR B 79 -0.51 12.33 4.69
C THR B 79 -1.24 12.52 6.01
N GLN B 80 -0.97 11.63 6.96
CA GLN B 80 -1.52 11.79 8.30
C GLN B 80 -0.91 12.97 9.04
N ASP B 81 0.22 13.52 8.57
CA ASP B 81 0.79 14.71 9.17
C ASP B 81 0.25 16.01 8.60
N ASN B 82 -0.15 16.03 7.34
CA ASN B 82 -0.62 17.28 6.74
C ASN B 82 -2.13 17.37 6.60
N PHE B 83 -2.87 16.34 7.00
N PHE B 83 -2.86 16.35 7.05
CA PHE B 83 -4.31 16.36 6.75
CA PHE B 83 -4.30 16.36 6.91
C PHE B 83 -5.01 17.55 7.41
C PHE B 83 -4.95 17.52 7.68
N PHE B 84 -4.52 18.01 8.57
N PHE B 84 -4.47 17.79 8.89
CA PHE B 84 -5.17 19.07 9.31
CA PHE B 84 -5.05 18.83 9.73
C PHE B 84 -4.57 20.45 9.05
C PHE B 84 -4.37 20.19 9.56
N SER B 85 -3.86 20.64 7.93
N SER B 85 -3.86 20.49 8.35
CA SER B 85 -3.11 21.87 7.71
CA SER B 85 -2.98 21.63 8.13
C SER B 85 -3.95 23.03 7.18
C SER B 85 -3.71 22.88 7.63
N ASN B 86 -5.20 23.11 7.59
N ASN B 86 -4.96 23.09 8.04
CA ASN B 86 -5.99 24.30 7.32
CA ASN B 86 -5.68 24.30 7.67
C ASN B 86 -7.05 24.43 8.40
C ASN B 86 -6.82 24.49 8.67
N GLU B 87 -7.47 25.67 8.63
CA GLU B 87 -8.43 25.97 9.68
C GLU B 87 -9.80 25.33 9.46
N LYS B 88 -10.25 25.19 8.21
CA LYS B 88 -11.57 24.61 7.98
CA LYS B 88 -11.57 24.61 7.98
C LYS B 88 -11.63 23.16 8.44
N THR B 89 -10.61 22.37 8.11
CA THR B 89 -10.56 20.98 8.54
C THR B 89 -10.46 20.89 10.06
N LYS B 90 -9.59 21.69 10.67
CA LYS B 90 -9.47 21.65 12.12
C LYS B 90 -10.74 22.09 12.83
N ALA B 91 -11.55 22.94 12.20
CA ALA B 91 -12.77 23.41 12.83
C ALA B 91 -13.80 22.31 12.96
N VAL B 92 -13.71 21.25 12.16
CA VAL B 92 -14.59 20.11 12.34
C VAL B 92 -14.29 19.42 13.67
N ILE B 93 -13.03 19.04 13.87
CA ILE B 93 -12.59 18.39 15.10
C ILE B 93 -11.08 18.57 15.17
N ALA B 94 -10.60 18.94 16.36
CA ALA B 94 -9.19 19.25 16.53
C ALA B 94 -8.34 17.99 16.42
N PRO B 95 -7.16 18.06 15.80
N PRO B 95 -7.15 18.08 15.84
CA PRO B 95 -6.31 16.87 15.74
CA PRO B 95 -6.30 16.89 15.75
C PRO B 95 -5.96 16.33 17.11
C PRO B 95 -5.90 16.35 17.10
N GLU B 96 -5.85 17.20 18.12
CA GLU B 96 -5.52 16.74 19.46
C GLU B 96 -6.59 15.82 19.99
N VAL B 97 -7.85 16.06 19.60
CA VAL B 97 -8.96 15.23 20.04
C VAL B 97 -9.00 13.93 19.24
N VAL B 98 -8.84 14.01 17.92
CA VAL B 98 -8.82 12.79 17.12
C VAL B 98 -7.73 11.85 17.62
N ALA B 99 -6.52 12.39 17.77
N ALA B 99 -6.60 12.38 18.11
CA ALA B 99 -5.31 11.64 18.02
CA ALA B 99 -5.54 11.50 18.63
C ALA B 99 -5.40 10.84 19.29
C ALA B 99 -5.93 10.73 19.90
N ARG B 100 -6.42 11.11 20.12
N ARG B 100 -6.92 11.20 20.66
CA ARG B 100 -6.69 10.33 21.32
CA ARG B 100 -7.35 10.49 21.86
C ARG B 100 -7.97 9.52 21.21
C ARG B 100 -8.67 9.75 21.68
N GLN B 101 -9.07 10.11 20.73
N GLN B 101 -9.61 10.35 20.94
CA GLN B 101 -10.40 9.53 20.87
CA GLN B 101 -10.97 9.86 20.84
C GLN B 101 -11.07 9.15 19.56
C GLN B 101 -11.35 9.36 19.45
N GLY B 102 -10.48 9.50 18.43
CA GLY B 102 -10.97 9.10 17.11
C GLY B 102 -11.99 10.12 16.59
N MET B 103 -12.84 9.65 15.68
CA MET B 103 -13.88 10.49 15.07
C MET B 103 -15.16 9.68 14.90
N THR B 104 -16.30 10.35 15.04
CA THR B 104 -17.59 9.73 14.75
C THR B 104 -17.83 9.68 13.24
N LEU B 105 -18.88 8.94 12.85
CA LEU B 105 -19.29 8.90 11.45
C LEU B 105 -19.55 10.30 10.90
N ASP B 106 -20.29 11.12 11.65
CA ASP B 106 -20.60 12.46 11.16
C ASP B 106 -19.33 13.30 11.05
N GLU B 107 -18.41 13.17 12.01
CA GLU B 107 -17.15 13.91 11.94
C GLU B 107 -16.30 13.46 10.74
N LEU B 108 -16.24 12.15 10.50
CA LEU B 108 -15.59 11.60 9.30
C LEU B 108 -16.12 12.29 8.05
N GLY B 109 -17.44 12.36 7.91
CA GLY B 109 -18.00 13.00 6.74
C GLY B 109 -17.59 14.46 6.63
N ARG B 110 -17.70 15.19 7.73
CA ARG B 110 -17.38 16.61 7.67
CA ARG B 110 -17.38 16.61 7.70
C ARG B 110 -15.90 16.85 7.41
N LEU B 111 -15.03 16.01 7.97
CA LEU B 111 -13.61 16.14 7.68
C LEU B 111 -13.31 15.94 6.20
N ILE B 112 -13.93 14.93 5.58
CA ILE B 112 -13.74 14.73 4.15
C ILE B 112 -14.25 15.93 3.38
N ALA B 113 -15.45 16.38 3.74
CA ALA B 113 -16.09 17.48 3.02
C ALA B 113 -15.31 18.77 3.13
N SER B 114 -14.47 18.92 4.17
CA SER B 114 -13.68 20.14 4.32
C SER B 114 -12.65 20.29 3.22
N TYR B 115 -12.37 19.23 2.46
CA TYR B 115 -11.47 19.31 1.31
C TYR B 115 -12.21 19.47 0.00
N GLY B 116 -13.50 19.78 0.06
CA GLY B 116 -14.24 20.20 -1.11
C GLY B 116 -14.83 19.09 -1.94
N VAL B 117 -14.69 17.84 -1.52
CA VAL B 117 -15.22 16.72 -2.29
C VAL B 117 -16.65 16.46 -1.85
N LYS B 118 -17.37 15.65 -2.62
CA LYS B 118 -18.77 15.35 -2.37
C LYS B 118 -18.90 14.14 -1.47
N VAL B 119 -19.62 14.30 -0.37
CA VAL B 119 -19.72 13.28 0.66
C VAL B 119 -21.20 13.02 0.94
N LYS B 120 -21.59 11.75 0.99
CA LYS B 120 -22.90 11.37 1.49
C LYS B 120 -22.70 10.45 2.68
N VAL B 121 -23.22 10.86 3.84
CA VAL B 121 -23.11 10.10 5.08
C VAL B 121 -24.39 9.29 5.27
N ASN B 122 -24.25 7.99 5.45
CA ASN B 122 -25.37 7.07 5.65
C ASN B 122 -25.22 6.36 6.99
N HIS B 123 -25.95 6.82 8.00
CA HIS B 123 -26.07 6.04 9.22
C HIS B 123 -26.87 4.80 8.91
N ALA B 124 -26.48 3.65 9.49
CA ALA B 124 -27.18 2.41 9.20
C ALA B 124 -28.66 2.51 9.53
N SER B 125 -29.01 3.27 10.58
CA SER B 125 -30.40 3.40 11.01
CA SER B 125 -30.40 3.40 11.00
C SER B 125 -31.28 3.96 9.90
N ASP B 126 -30.71 4.73 8.99
CA ASP B 126 -31.47 5.44 7.96
C ASP B 126 -31.54 4.69 6.65
N THR B 127 -31.06 3.45 6.61
CA THR B 127 -31.14 2.65 5.41
C THR B 127 -31.40 1.20 5.82
N ASN B 128 -31.12 0.26 4.92
CA ASN B 128 -31.40 -1.15 5.14
C ASN B 128 -30.30 -1.93 4.46
N ILE B 129 -30.19 -3.21 4.84
CA ILE B 129 -29.08 -4.04 4.38
C ILE B 129 -29.11 -4.22 2.87
N GLU B 130 -30.29 -4.37 2.27
CA GLU B 130 -30.32 -4.61 0.84
CA GLU B 130 -30.34 -4.60 0.83
C GLU B 130 -29.85 -3.39 0.04
N ASP B 131 -30.24 -2.18 0.47
CA ASP B 131 -29.79 -0.96 -0.18
C ASP B 131 -28.31 -0.70 0.08
N PHE B 132 -27.83 -0.99 1.28
CA PHE B 132 -26.40 -0.92 1.54
C PHE B 132 -25.65 -1.81 0.55
N ARG B 133 -26.05 -3.07 0.45
CA ARG B 133 -25.32 -4.00 -0.41
C ARG B 133 -25.32 -3.51 -1.86
N LYS B 134 -26.50 -3.15 -2.37
CA LYS B 134 -26.62 -2.76 -3.77
CA LYS B 134 -26.60 -2.77 -3.77
C LYS B 134 -25.85 -1.48 -4.06
N GLN B 135 -26.04 -0.46 -3.22
CA GLN B 135 -25.42 0.84 -3.49
C GLN B 135 -23.90 0.74 -3.38
N VAL B 136 -23.41 0.01 -2.39
CA VAL B 136 -21.97 -0.14 -2.22
C VAL B 136 -21.35 -0.99 -3.34
N ALA B 137 -21.99 -2.12 -3.69
CA ALA B 137 -21.43 -2.93 -4.77
C ALA B 137 -21.37 -2.13 -6.06
N GLU B 138 -22.38 -1.28 -6.31
CA GLU B 138 -22.36 -0.43 -7.49
C GLU B 138 -21.20 0.55 -7.46
N ASN B 139 -21.01 1.22 -6.32
CA ASN B 139 -19.86 2.12 -6.19
C ASN B 139 -18.55 1.36 -6.43
N LEU B 140 -18.44 0.13 -5.92
CA LEU B 140 -17.18 -0.59 -6.03
C LEU B 140 -16.83 -0.96 -7.47
N LYS B 141 -17.81 -0.99 -8.37
CA LYS B 141 -17.57 -1.16 -9.80
C LYS B 141 -17.16 0.12 -10.51
N GLN B 142 -17.34 1.28 -9.87
CA GLN B 142 -17.23 2.57 -10.51
C GLN B 142 -15.96 3.30 -10.11
N ASP B 143 -15.22 3.82 -11.09
CA ASP B 143 -14.08 4.68 -10.79
CA ASP B 143 -14.09 4.69 -10.81
C ASP B 143 -14.56 6.07 -10.40
N GLY B 144 -13.70 6.81 -9.72
CA GLY B 144 -13.99 8.18 -9.35
C GLY B 144 -14.84 8.35 -8.11
N ASN B 145 -15.11 7.28 -7.38
CA ASN B 145 -15.86 7.36 -6.13
C ASN B 145 -15.43 6.21 -5.24
N PHE B 146 -15.68 6.36 -3.93
CA PHE B 146 -15.18 5.42 -2.94
C PHE B 146 -16.18 5.31 -1.79
N VAL B 147 -15.94 4.29 -0.97
CA VAL B 147 -16.75 3.97 0.20
C VAL B 147 -15.87 3.77 1.42
N ILE B 148 -16.22 4.42 2.53
CA ILE B 148 -15.57 4.18 3.82
C ILE B 148 -16.63 3.70 4.80
N VAL B 149 -16.31 2.67 5.59
CA VAL B 149 -17.20 2.17 6.63
C VAL B 149 -16.69 2.51 8.03
N ASN B 150 -17.64 2.67 8.94
CA ASN B 150 -17.43 2.83 10.37
C ASN B 150 -18.25 1.75 11.05
N TYR B 151 -17.61 0.90 11.84
CA TYR B 151 -18.26 -0.30 12.35
C TYR B 151 -17.62 -0.72 13.66
N LEU B 152 -18.38 -1.45 14.48
CA LEU B 152 -17.86 -1.97 15.74
C LEU B 152 -17.11 -3.28 15.47
N ARG B 153 -15.80 -3.31 15.69
CA ARG B 153 -15.00 -4.48 15.34
CA ARG B 153 -15.00 -4.47 15.33
C ARG B 153 -15.49 -5.75 16.01
N LYS B 154 -15.89 -5.65 17.28
CA LYS B 154 -16.28 -6.85 18.01
C LYS B 154 -17.39 -7.61 17.28
N GLU B 155 -18.30 -6.87 16.63
CA GLU B 155 -19.42 -7.52 15.96
C GLU B 155 -19.00 -8.33 14.72
N ILE B 156 -17.81 -8.10 14.18
CA ILE B 156 -17.29 -8.98 13.14
C ILE B 156 -16.21 -9.94 13.67
N GLY B 157 -16.04 -10.01 14.98
CA GLY B 157 -15.10 -10.94 15.58
C GLY B 157 -13.74 -10.40 15.92
N GLN B 158 -13.51 -9.10 15.76
CA GLN B 158 -12.18 -8.51 15.92
C GLN B 158 -12.10 -7.59 17.13
N GLU B 159 -10.86 -7.38 17.59
CA GLU B 159 -10.59 -6.50 18.74
CA GLU B 159 -10.56 -6.50 18.72
C GLU B 159 -10.45 -5.07 18.22
N ARG B 160 -11.37 -4.17 18.63
CA ARG B 160 -12.51 -4.41 19.51
CA ARG B 160 -12.53 -4.44 19.47
C ARG B 160 -13.58 -3.33 19.29
N GLY B 161 -13.19 -2.05 19.46
CA GLY B 161 -14.12 -0.95 19.41
C GLY B 161 -14.44 -0.45 18.01
N GLY B 162 -14.95 0.78 17.95
CA GLY B 162 -15.32 1.36 16.68
C GLY B 162 -14.10 1.61 15.81
N HIS B 163 -14.24 1.27 14.53
CA HIS B 163 -13.14 1.36 13.59
C HIS B 163 -13.66 2.00 12.30
N ILE B 164 -12.72 2.47 11.49
CA ILE B 164 -13.00 3.08 10.20
C ILE B 164 -11.98 2.53 9.22
N SER B 165 -12.44 2.11 8.03
CA SER B 165 -11.53 1.75 6.96
C SER B 165 -12.28 1.76 5.63
N PRO B 166 -11.58 1.90 4.51
CA PRO B 166 -12.24 1.85 3.20
C PRO B 166 -12.67 0.43 2.84
N LEU B 167 -13.68 0.35 1.95
CA LEU B 167 -14.04 -0.89 1.27
C LEU B 167 -13.45 -0.90 -0.13
N ALA B 168 -12.97 -2.07 -0.57
CA ALA B 168 -12.30 -2.17 -1.87
C ALA B 168 -12.99 -3.08 -2.89
N ALA B 169 -13.80 -4.04 -2.45
CA ALA B 169 -14.37 -4.98 -3.38
C ALA B 169 -15.54 -5.70 -2.72
N TYR B 170 -16.35 -6.35 -3.56
CA TYR B 170 -17.48 -7.16 -3.13
C TYR B 170 -17.45 -8.45 -3.93
N ASN B 171 -17.51 -9.58 -3.23
CA ASN B 171 -17.50 -10.89 -3.88
C ASN B 171 -18.92 -11.44 -3.87
N GLU B 172 -19.47 -11.62 -5.07
CA GLU B 172 -20.87 -11.97 -5.24
C GLU B 172 -21.19 -13.38 -4.74
N GLN B 173 -20.31 -14.35 -5.02
CA GLN B 173 -20.65 -15.73 -4.66
C GLN B 173 -20.74 -15.91 -3.15
N THR B 174 -19.89 -15.21 -2.38
CA THR B 174 -19.86 -15.39 -0.94
C THR B 174 -20.58 -14.27 -0.20
N ASP B 175 -21.05 -13.23 -0.90
CA ASP B 175 -21.71 -12.08 -0.27
C ASP B 175 -20.81 -11.45 0.81
N ARG B 176 -19.56 -11.13 0.42
CA ARG B 176 -18.57 -10.57 1.32
C ARG B 176 -17.95 -9.31 0.74
N PHE B 177 -17.69 -8.34 1.62
CA PHE B 177 -17.00 -7.11 1.27
C PHE B 177 -15.57 -7.15 1.79
N LEU B 178 -14.64 -6.57 1.03
CA LEU B 178 -13.23 -6.48 1.41
C LEU B 178 -12.96 -5.16 2.11
N ILE B 179 -12.57 -5.23 3.38
CA ILE B 179 -12.18 -4.07 4.17
C ILE B 179 -10.65 -3.92 4.08
N MET B 180 -10.21 -2.76 3.61
CA MET B 180 -8.78 -2.43 3.56
C MET B 180 -8.37 -1.84 4.91
N ASP B 181 -8.15 -2.74 5.87
CA ASP B 181 -7.97 -2.35 7.26
C ASP B 181 -6.64 -1.63 7.47
N VAL B 182 -6.72 -0.34 7.83
CA VAL B 182 -5.54 0.48 8.04
C VAL B 182 -4.76 0.12 9.31
N SER B 183 -5.28 -0.75 10.18
CA SER B 183 -4.49 -1.24 11.31
C SER B 183 -3.57 -2.38 10.86
N ARG B 184 -2.65 -2.07 9.94
CA ARG B 184 -1.96 -3.12 9.19
C ARG B 184 -1.02 -3.94 10.10
N TYR B 185 -0.60 -3.35 11.22
CA TYR B 185 0.23 -4.04 12.23
C TYR B 185 -0.54 -5.11 13.00
N LYS B 186 -1.88 -5.07 12.97
CA LYS B 186 -2.73 -5.91 13.78
CA LYS B 186 -2.76 -5.89 13.79
C LYS B 186 -3.52 -6.92 12.97
N TYR B 187 -4.08 -6.52 11.83
CA TYR B 187 -4.92 -7.38 11.01
CA TYR B 187 -4.91 -7.39 11.01
C TYR B 187 -4.62 -7.14 9.53
N PRO B 188 -4.78 -8.16 8.70
CA PRO B 188 -4.76 -7.99 7.24
C PRO B 188 -6.10 -7.43 6.79
N PRO B 189 -6.21 -7.05 5.52
CA PRO B 189 -7.55 -6.82 4.95
C PRO B 189 -8.37 -8.09 5.08
N VAL B 190 -9.68 -7.95 5.27
CA VAL B 190 -10.55 -9.09 5.48
C VAL B 190 -11.78 -9.00 4.59
N TRP B 191 -12.27 -10.18 4.21
CA TRP B 191 -13.55 -10.33 3.52
C TRP B 191 -14.61 -10.71 4.57
N VAL B 192 -15.57 -9.80 4.76
CA VAL B 192 -16.58 -9.91 5.80
CA VAL B 192 -16.58 -9.91 5.80
C VAL B 192 -17.96 -10.11 5.16
N LYS B 193 -18.73 -11.05 5.71
CA LYS B 193 -20.10 -11.24 5.27
CA LYS B 193 -20.09 -11.24 5.25
CA LYS B 193 -20.10 -11.24 5.27
C LYS B 193 -20.90 -9.96 5.44
N THR B 194 -21.72 -9.65 4.44
CA THR B 194 -22.57 -8.46 4.52
C THR B 194 -23.38 -8.42 5.80
N THR B 195 -23.96 -9.55 6.22
CA THR B 195 -24.76 -9.52 7.43
C THR B 195 -23.94 -9.15 8.66
N ASP B 196 -22.69 -9.60 8.72
CA ASP B 196 -21.83 -9.23 9.85
C ASP B 196 -21.47 -7.74 9.80
N LEU B 197 -21.10 -7.24 8.62
CA LEU B 197 -20.78 -5.83 8.49
C LEU B 197 -21.98 -4.95 8.79
N TRP B 198 -23.16 -5.36 8.30
CA TRP B 198 -24.39 -4.64 8.59
C TRP B 198 -24.63 -4.56 10.10
N LYS B 199 -24.55 -5.71 10.80
CA LYS B 199 -24.73 -5.68 12.25
CA LYS B 199 -24.74 -5.67 12.25
C LYS B 199 -23.73 -4.74 12.90
N ALA B 200 -22.48 -4.78 12.44
CA ALA B 200 -21.43 -3.99 13.05
C ALA B 200 -21.62 -2.49 12.83
N MET B 201 -22.21 -2.09 11.70
CA MET B 201 -22.55 -0.68 11.46
C MET B 201 -23.80 -0.28 12.22
N ASN B 202 -24.72 -1.21 12.42
CA ASN B 202 -25.97 -0.93 13.13
CA ASN B 202 -25.97 -0.95 13.13
C ASN B 202 -25.80 -1.10 14.63
N THR B 203 -24.81 -0.42 15.14
CA THR B 203 -24.49 -0.31 16.55
C THR B 203 -24.44 1.17 16.90
N VAL B 204 -24.79 1.48 18.13
CA VAL B 204 -24.82 2.86 18.60
C VAL B 204 -23.44 3.26 19.12
N ASP B 205 -22.83 4.27 18.52
CA ASP B 205 -21.61 4.86 19.04
C ASP B 205 -21.99 5.73 20.23
N SER B 206 -21.47 5.39 21.40
CA SER B 206 -21.86 6.14 22.59
CA SER B 206 -21.80 6.13 22.61
C SER B 206 -21.50 7.61 22.51
N VAL B 207 -20.49 7.99 21.72
CA VAL B 207 -20.12 9.40 21.60
C VAL B 207 -21.24 10.19 20.95
N SER B 208 -21.85 9.64 19.91
CA SER B 208 -22.84 10.37 19.14
C SER B 208 -24.28 10.01 19.50
N GLN B 209 -24.48 8.86 20.18
CA GLN B 209 -25.80 8.25 20.35
CA GLN B 209 -25.81 8.28 20.35
C GLN B 209 -26.53 8.12 19.01
N LYS B 210 -25.75 7.91 17.95
CA LYS B 210 -26.26 7.57 16.62
C LYS B 210 -25.60 6.26 16.20
N THR B 211 -26.21 5.59 15.23
CA THR B 211 -25.57 4.41 14.68
C THR B 211 -24.30 4.78 13.91
N ARG B 212 -23.47 3.76 13.71
CA ARG B 212 -22.38 3.81 12.75
C ARG B 212 -22.94 3.65 11.33
N GLY B 213 -22.11 3.36 10.33
CA GLY B 213 -22.60 3.45 8.97
C GLY B 213 -21.46 3.59 7.97
N PHE B 214 -21.76 4.28 6.87
CA PHE B 214 -20.85 4.31 5.75
C PHE B 214 -20.96 5.64 5.05
N VAL B 215 -19.91 5.99 4.32
CA VAL B 215 -19.80 7.26 3.62
CA VAL B 215 -19.87 7.26 3.59
C VAL B 215 -19.42 7.00 2.17
N PHE B 216 -20.09 7.69 1.24
CA PHE B 216 -19.71 7.71 -0.17
C PHE B 216 -18.95 9.00 -0.42
N VAL B 217 -17.88 8.91 -1.20
CA VAL B 217 -17.02 10.05 -1.48
C VAL B 217 -16.74 10.10 -2.98
N SER B 218 -16.89 11.27 -3.57
CA SER B 218 -16.57 11.46 -4.98
C SER B 218 -16.15 12.91 -5.19
N LYS B 219 -15.67 13.22 -6.37
CA LYS B 219 -15.33 14.61 -6.65
C LYS B 219 -16.60 15.45 -6.77
N THR B 220 -16.50 16.71 -6.32
CA THR B 220 -17.62 17.64 -6.51
C THR B 220 -17.73 18.06 -7.97
N GLN B 221 -16.59 18.29 -8.63
CA GLN B 221 -16.60 18.70 -10.04
C GLN B 221 -17.18 17.59 -10.91
#